data_8WP6
#
_entry.id   8WP6
#
_cell.length_a   64.154
_cell.length_b   69.596
_cell.length_c   50.771
_cell.angle_alpha   90.00
_cell.angle_beta   90.00
_cell.angle_gamma   90.00
#
_symmetry.space_group_name_H-M   'P 21 21 2'
#
loop_
_entity.id
_entity.type
_entity.pdbx_description
1 polymer 'TetR family transcriptional regulator'
2 water water
#
_entity_poly.entity_id   1
_entity_poly.type   'polypeptide(L)'
_entity_poly.pdbx_seq_one_letter_code
;MAYLNRDQRREMILQAAMQIALAEGFTAMTVRRIATEAQTSTGQVHHHFSSASHLKAEAFLKLMEQLDEIEQTLQTTSQF
QRLFILLGAENIDRLQPYLRLWNEAELLIEQDIEIQKAYNLAMQSWHQAIVQSIECGQKEGEFKNRSNSTDIAWRLIAFV
CGLEGIYKLGLQGLAEEDFKRHTEAIIRLELL
;
_entity_poly.pdbx_strand_id   A
#
# COMPACT_ATOMS: atom_id res chain seq x y z
N GLN A 8 -24.86 -6.08 7.60
CA GLN A 8 -23.49 -5.71 7.91
C GLN A 8 -22.75 -6.92 8.47
N ARG A 9 -23.45 -8.05 8.51
CA ARG A 9 -22.80 -9.28 8.96
C ARG A 9 -21.69 -9.70 8.02
N ARG A 10 -21.85 -9.46 6.71
CA ARG A 10 -20.74 -9.63 5.78
C ARG A 10 -19.60 -8.68 6.09
N GLU A 11 -19.92 -7.43 6.44
CA GLU A 11 -18.88 -6.46 6.80
C GLU A 11 -18.14 -6.89 8.06
N MET A 12 -18.85 -7.49 9.02
CA MET A 12 -18.19 -7.94 10.24
C MET A 12 -17.26 -9.12 9.98
N ILE A 13 -17.60 -9.99 9.02
CA ILE A 13 -16.68 -11.05 8.63
C ILE A 13 -15.42 -10.45 8.02
N LEU A 14 -15.61 -9.49 7.10
CA LEU A 14 -14.48 -8.79 6.49
C LEU A 14 -13.58 -8.15 7.54
N GLN A 15 -14.19 -7.49 8.54
CA GLN A 15 -13.39 -6.83 9.57
C GLN A 15 -12.56 -7.85 10.37
N ALA A 16 -13.12 -9.04 10.60
CA ALA A 16 -12.35 -10.08 11.29
C ALA A 16 -11.17 -10.56 10.46
N ALA A 17 -11.38 -10.76 9.15
CA ALA A 17 -10.28 -11.12 8.27
C ALA A 17 -9.20 -10.05 8.26
N MET A 18 -9.60 -8.77 8.29
CA MET A 18 -8.62 -7.68 8.29
C MET A 18 -7.76 -7.68 9.54
N GLN A 19 -8.35 -8.04 10.69
CA GLN A 19 -7.58 -8.10 11.92
C GLN A 19 -6.52 -9.20 11.87
N ILE A 20 -6.91 -10.39 11.40
CA ILE A 20 -5.96 -11.49 11.26
C ILE A 20 -4.87 -11.13 10.25
N ALA A 21 -5.27 -10.50 9.14
CA ALA A 21 -4.30 -10.10 8.11
C ALA A 21 -3.25 -9.16 8.69
N LEU A 22 -3.69 -8.10 9.37
CA LEU A 22 -2.76 -7.12 9.92
C LEU A 22 -1.81 -7.74 10.95
N ALA A 23 -2.32 -8.65 11.77
CA ALA A 23 -1.55 -9.18 12.89
C ALA A 23 -0.72 -10.40 12.54
N GLU A 24 -1.20 -11.26 11.64
CA GLU A 24 -0.55 -12.54 11.38
C GLU A 24 -0.28 -12.85 9.91
N GLY A 25 -0.85 -12.09 8.98
CA GLY A 25 -0.59 -12.33 7.57
C GLY A 25 -1.62 -13.22 6.91
N PHE A 26 -1.35 -13.50 5.63
CA PHE A 26 -2.32 -14.18 4.78
C PHE A 26 -2.49 -15.65 5.15
N THR A 27 -1.39 -16.35 5.47
CA THR A 27 -1.50 -17.79 5.69
C THR A 27 -2.41 -18.13 6.85
N ALA A 28 -2.49 -17.26 7.86
CA ALA A 28 -3.37 -17.48 9.00
C ALA A 28 -4.83 -17.25 8.66
N MET A 29 -5.15 -16.72 7.49
CA MET A 29 -6.50 -16.30 7.14
C MET A 29 -7.30 -17.46 6.56
N THR A 30 -7.43 -18.54 7.33
CA THR A 30 -8.29 -19.64 6.91
C THR A 30 -9.74 -19.29 7.22
N VAL A 31 -10.65 -19.95 6.51
CA VAL A 31 -12.07 -19.72 6.76
C VAL A 31 -12.43 -20.13 8.17
N ARG A 32 -11.87 -21.25 8.65
CA ARG A 32 -12.07 -21.69 10.03
C ARG A 32 -11.68 -20.60 11.02
N ARG A 33 -10.48 -20.03 10.84
CA ARG A 33 -9.99 -19.01 11.75
C ARG A 33 -10.86 -17.75 11.71
N ILE A 34 -11.22 -17.30 10.50
CA ILE A 34 -11.97 -16.07 10.35
C ILE A 34 -13.37 -16.21 10.95
N ALA A 35 -14.01 -17.36 10.71
CA ALA A 35 -15.32 -17.62 11.29
C ALA A 35 -15.27 -17.58 12.82
N THR A 36 -14.27 -18.22 13.41
CA THR A 36 -14.08 -18.18 14.85
C THR A 36 -13.94 -16.74 15.34
N GLU A 37 -13.11 -15.95 14.64
CA GLU A 37 -12.85 -14.57 15.08
C GLU A 37 -14.08 -13.70 14.93
N ALA A 38 -14.85 -13.88 13.85
CA ALA A 38 -16.07 -13.10 13.66
C ALA A 38 -17.26 -13.70 14.42
N GLN A 39 -17.06 -14.80 15.14
CA GLN A 39 -18.12 -15.53 15.85
C GLN A 39 -19.29 -15.85 14.92
N THR A 40 -18.97 -16.51 13.82
CA THR A 40 -19.99 -16.96 12.87
C THR A 40 -19.64 -18.38 12.45
N SER A 41 -20.41 -18.91 11.51
CA SER A 41 -20.20 -20.25 10.97
C SER A 41 -19.36 -20.17 9.70
N THR A 42 -18.59 -21.24 9.44
CA THR A 42 -17.88 -21.30 8.18
C THR A 42 -18.85 -21.27 7.01
N GLY A 43 -20.05 -21.83 7.20
CA GLY A 43 -21.07 -21.75 6.15
C GLY A 43 -21.42 -20.32 5.78
N GLN A 44 -21.50 -19.43 6.77
CA GLN A 44 -21.79 -18.04 6.48
C GLN A 44 -20.62 -17.34 5.81
N VAL A 45 -19.39 -17.72 6.16
CA VAL A 45 -18.24 -17.16 5.46
C VAL A 45 -18.28 -17.56 4.00
N HIS A 46 -18.59 -18.84 3.72
CA HIS A 46 -18.65 -19.30 2.34
C HIS A 46 -19.82 -18.68 1.59
N HIS A 47 -20.92 -18.37 2.28
CA HIS A 47 -22.06 -17.73 1.63
C HIS A 47 -21.70 -16.35 1.12
N HIS A 48 -20.98 -15.57 1.93
CA HIS A 48 -20.69 -14.18 1.60
C HIS A 48 -19.49 -13.99 0.68
N PHE A 49 -18.60 -14.98 0.60
CA PHE A 49 -17.35 -14.82 -0.15
C PHE A 49 -17.14 -16.02 -1.06
N SER A 50 -16.81 -15.76 -2.32
CA SER A 50 -16.78 -16.81 -3.34
C SER A 50 -15.67 -17.83 -3.08
N SER A 51 -14.58 -17.40 -2.45
CA SER A 51 -13.49 -18.32 -2.13
C SER A 51 -12.69 -17.72 -0.99
N ALA A 52 -11.87 -18.56 -0.36
CA ALA A 52 -10.98 -18.08 0.68
C ALA A 52 -10.03 -17.02 0.15
N SER A 53 -9.60 -17.17 -1.12
CA SER A 53 -8.72 -16.17 -1.73
C SER A 53 -9.45 -14.87 -2.06
N HIS A 54 -10.73 -14.96 -2.42
CA HIS A 54 -11.52 -13.74 -2.60
C HIS A 54 -11.60 -12.94 -1.30
N LEU A 55 -11.80 -13.64 -0.17
CA LEU A 55 -11.86 -12.97 1.13
C LEU A 55 -10.52 -12.31 1.48
N LYS A 56 -9.42 -13.02 1.24
CA LYS A 56 -8.10 -12.46 1.51
C LYS A 56 -7.87 -11.19 0.70
N ALA A 57 -8.24 -11.22 -0.58
CA ALA A 57 -7.97 -10.07 -1.45
C ALA A 57 -8.87 -8.90 -1.11
N GLU A 58 -10.13 -9.18 -0.75
CA GLU A 58 -11.04 -8.11 -0.37
C GLU A 58 -10.60 -7.45 0.93
N ALA A 59 -10.10 -8.24 1.89
CA ALA A 59 -9.60 -7.68 3.14
C ALA A 59 -8.32 -6.88 2.89
N PHE A 60 -7.45 -7.39 2.01
CA PHE A 60 -6.24 -6.66 1.66
C PHE A 60 -6.56 -5.31 1.07
N LEU A 61 -7.51 -5.25 0.12
CA LEU A 61 -7.88 -3.99 -0.49
C LEU A 61 -8.49 -3.03 0.51
N LYS A 62 -9.28 -3.55 1.45
CA LYS A 62 -9.84 -2.72 2.51
C LYS A 62 -8.74 -2.14 3.39
N LEU A 63 -7.74 -2.96 3.72
CA LEU A 63 -6.63 -2.47 4.53
C LEU A 63 -5.79 -1.45 3.79
N MET A 64 -5.69 -1.58 2.46
CA MET A 64 -4.91 -0.62 1.68
C MET A 64 -5.64 0.70 1.55
N GLU A 65 -6.97 0.65 1.35
CA GLU A 65 -7.79 1.86 1.40
C GLU A 65 -7.69 2.50 2.78
N GLN A 66 -7.58 1.67 3.81
CA GLN A 66 -7.44 2.16 5.18
C GLN A 66 -6.08 2.83 5.37
N LEU A 67 -5.04 2.29 4.73
CA LEU A 67 -3.72 2.90 4.78
C LEU A 67 -3.71 4.29 4.16
N ASP A 68 -4.38 4.45 3.01
CA ASP A 68 -4.51 5.75 2.38
C ASP A 68 -5.26 6.73 3.28
N GLU A 69 -6.34 6.26 3.91
CA GLU A 69 -7.09 7.11 4.84
C GLU A 69 -6.21 7.58 5.98
N ILE A 70 -5.48 6.67 6.60
CA ILE A 70 -4.59 7.03 7.71
C ILE A 70 -3.56 8.04 7.23
N GLU A 71 -3.03 7.84 6.03
CA GLU A 71 -2.02 8.74 5.50
C GLU A 71 -2.56 10.15 5.27
N GLN A 72 -3.84 10.27 4.94
CA GLN A 72 -4.45 11.58 4.71
C GLN A 72 -4.72 12.34 6.00
N THR A 73 -4.43 11.77 7.16
CA THR A 73 -4.62 12.46 8.43
C THR A 73 -3.32 12.99 9.01
N LEU A 74 -2.16 12.55 8.52
CA LEU A 74 -0.93 13.22 8.87
C LEU A 74 -0.96 14.64 8.34
N GLN A 75 -0.64 15.60 9.20
CA GLN A 75 -0.70 17.00 8.83
C GLN A 75 0.51 17.36 8.00
N THR A 76 0.26 17.94 6.82
CA THR A 76 1.30 18.44 5.95
C THR A 76 1.02 19.89 5.61
N THR A 77 2.09 20.64 5.34
CA THR A 77 1.96 22.01 4.88
C THR A 77 2.25 22.16 3.40
N SER A 78 2.81 21.15 2.77
CA SER A 78 3.19 21.22 1.37
C SER A 78 2.91 19.88 0.70
N GLN A 79 2.81 19.91 -0.63
CA GLN A 79 2.70 18.67 -1.37
C GLN A 79 4.03 17.93 -1.38
N PHE A 80 5.14 18.64 -1.18
CA PHE A 80 6.44 18.01 -1.03
C PHE A 80 6.43 17.05 0.15
N GLN A 81 5.86 17.49 1.27
CA GLN A 81 5.73 16.65 2.46
C GLN A 81 4.81 15.46 2.19
N ARG A 82 3.68 15.69 1.54
CA ARG A 82 2.75 14.59 1.30
C ARG A 82 3.36 13.56 0.35
N LEU A 83 4.23 13.97 -0.57
CA LEU A 83 4.86 13.00 -1.45
C LEU A 83 5.79 12.08 -0.68
N PHE A 84 6.56 12.63 0.28
CA PHE A 84 7.39 11.78 1.13
C PHE A 84 6.58 10.72 1.84
N ILE A 85 5.40 11.08 2.33
CA ILE A 85 4.55 10.13 3.03
C ILE A 85 4.02 9.08 2.06
N LEU A 86 3.49 9.51 0.92
CA LEU A 86 2.93 8.57 -0.05
C LEU A 86 3.99 7.62 -0.59
N LEU A 87 5.25 8.07 -0.70
CA LEU A 87 6.32 7.22 -1.22
C LEU A 87 7.02 6.40 -0.14
N GLY A 88 6.56 6.48 1.11
CA GLY A 88 7.11 5.64 2.17
C GLY A 88 8.38 6.13 2.81
N ALA A 89 8.77 7.38 2.56
CA ALA A 89 10.04 7.88 3.09
C ALA A 89 9.98 8.31 4.54
N GLU A 90 8.81 8.25 5.19
CA GLU A 90 8.67 8.80 6.53
C GLU A 90 8.36 7.75 7.59
N ASN A 91 8.26 6.47 7.20
CA ASN A 91 8.10 5.32 8.11
C ASN A 91 7.28 5.56 9.38
N ILE A 92 6.02 6.01 9.20
CA ILE A 92 5.10 6.12 10.32
C ILE A 92 4.92 4.76 10.98
N ASP A 93 5.05 4.73 12.31
CA ASP A 93 5.00 3.45 13.03
C ASP A 93 3.63 2.81 12.94
N ARG A 94 2.56 3.61 12.81
CA ARG A 94 1.23 3.07 12.63
C ARG A 94 1.14 2.14 11.43
N LEU A 95 1.85 2.47 10.36
CA LEU A 95 1.66 1.78 9.09
C LEU A 95 2.57 0.59 8.87
N GLN A 96 3.45 0.29 9.83
CA GLN A 96 4.36 -0.85 9.65
C GLN A 96 3.65 -2.18 9.43
N PRO A 97 2.58 -2.55 10.15
CA PRO A 97 1.90 -3.81 9.79
C PRO A 97 1.18 -3.73 8.46
N TYR A 98 0.79 -2.52 8.02
CA TYR A 98 0.19 -2.37 6.70
C TYR A 98 1.22 -2.63 5.60
N LEU A 99 2.43 -2.10 5.79
CA LEU A 99 3.49 -2.29 4.80
C LEU A 99 4.01 -3.72 4.81
N ARG A 100 3.99 -4.37 5.98
CA ARG A 100 4.35 -5.79 6.05
C ARG A 100 3.39 -6.63 5.23
N LEU A 101 2.10 -6.29 5.25
CA LEU A 101 1.12 -7.03 4.44
C LEU A 101 1.30 -6.74 2.96
N TRP A 102 1.60 -5.48 2.62
CA TRP A 102 1.83 -5.11 1.23
C TRP A 102 2.99 -5.92 0.64
N ASN A 103 4.12 -5.99 1.35
CA ASN A 103 5.24 -6.80 0.86
C ASN A 103 4.85 -8.27 0.81
N GLU A 104 4.04 -8.73 1.75
CA GLU A 104 3.59 -10.12 1.72
C GLU A 104 2.73 -10.39 0.49
N ALA A 105 1.83 -9.45 0.16
CA ALA A 105 0.99 -9.60 -1.02
C ALA A 105 1.85 -9.65 -2.28
N GLU A 106 2.90 -8.81 -2.34
CA GLU A 106 3.78 -8.77 -3.49
C GLU A 106 4.34 -10.14 -3.83
N LEU A 107 4.59 -10.98 -2.82
CA LEU A 107 5.10 -12.32 -3.05
C LEU A 107 4.02 -13.29 -3.48
N LEU A 108 2.75 -13.01 -3.18
CA LEU A 108 1.66 -13.94 -3.46
C LEU A 108 1.03 -13.74 -4.83
N ILE A 109 1.35 -12.65 -5.52
CA ILE A 109 0.76 -12.42 -6.83
C ILE A 109 1.17 -13.49 -7.84
N GLU A 110 2.22 -14.25 -7.54
CA GLU A 110 2.67 -15.34 -8.41
C GLU A 110 2.09 -16.70 -8.02
N GLN A 111 1.03 -16.74 -7.20
CA GLN A 111 0.41 -18.02 -6.93
C GLN A 111 -1.06 -17.87 -6.54
N ASP A 112 -1.55 -16.64 -6.39
CA ASP A 112 -2.94 -16.38 -6.03
C ASP A 112 -3.52 -15.41 -7.04
N ILE A 113 -4.51 -15.87 -7.81
CA ILE A 113 -5.08 -15.07 -8.89
C ILE A 113 -5.83 -13.85 -8.33
N GLU A 114 -6.51 -14.01 -7.20
CA GLU A 114 -7.25 -12.88 -6.65
C GLU A 114 -6.32 -11.84 -6.02
N ILE A 115 -5.24 -12.30 -5.39
CA ILE A 115 -4.29 -11.36 -4.83
C ILE A 115 -3.52 -10.67 -5.94
N GLN A 116 -3.28 -11.37 -7.05
CA GLN A 116 -2.65 -10.75 -8.20
C GLN A 116 -3.46 -9.57 -8.71
N LYS A 117 -4.77 -9.75 -8.84
CA LYS A 117 -5.62 -8.66 -9.32
C LYS A 117 -5.72 -7.54 -8.30
N ALA A 118 -5.83 -7.87 -7.01
CA ALA A 118 -6.00 -6.84 -5.99
C ALA A 118 -4.74 -6.01 -5.84
N TYR A 119 -3.57 -6.64 -5.96
CA TYR A 119 -2.31 -5.91 -5.86
C TYR A 119 -2.20 -4.87 -6.96
N ASN A 120 -2.61 -5.23 -8.18
CA ASN A 120 -2.56 -4.27 -9.29
C ASN A 120 -3.55 -3.13 -9.08
N LEU A 121 -4.73 -3.42 -8.55
CA LEU A 121 -5.67 -2.35 -8.23
C LEU A 121 -5.09 -1.40 -7.20
N ALA A 122 -4.41 -1.93 -6.19
CA ALA A 122 -3.77 -1.07 -5.19
C ALA A 122 -2.63 -0.26 -5.79
N MET A 123 -1.91 -0.84 -6.75
CA MET A 123 -0.84 -0.11 -7.44
C MET A 123 -1.41 1.07 -8.22
N GLN A 124 -2.51 0.86 -8.95
CA GLN A 124 -3.13 1.96 -9.68
C GLN A 124 -3.65 3.03 -8.73
N SER A 125 -4.22 2.60 -7.59
CA SER A 125 -4.70 3.56 -6.59
C SER A 125 -3.55 4.38 -6.04
N TRP A 126 -2.40 3.74 -5.81
CA TRP A 126 -1.20 4.44 -5.34
C TRP A 126 -0.73 5.45 -6.38
N HIS A 127 -0.67 5.04 -7.65
CA HIS A 127 -0.27 5.94 -8.71
C HIS A 127 -1.21 7.14 -8.80
N GLN A 128 -2.52 6.90 -8.65
CA GLN A 128 -3.47 8.01 -8.77
C GLN A 128 -3.34 8.97 -7.58
N ALA A 129 -3.00 8.46 -6.40
CA ALA A 129 -2.79 9.35 -5.26
C ALA A 129 -1.53 10.21 -5.44
N ILE A 130 -0.52 9.68 -6.13
CA ILE A 130 0.67 10.48 -6.41
C ILE A 130 0.38 11.52 -7.48
N VAL A 131 -0.36 11.11 -8.53
CA VAL A 131 -0.79 12.05 -9.56
C VAL A 131 -1.56 13.21 -8.93
N GLN A 132 -2.49 12.90 -8.03
CA GLN A 132 -3.31 13.93 -7.40
C GLN A 132 -2.44 14.89 -6.60
N SER A 133 -1.46 14.37 -5.86
CA SER A 133 -0.56 15.22 -5.08
C SER A 133 0.31 16.08 -5.98
N ILE A 134 0.81 15.51 -7.09
CA ILE A 134 1.64 16.28 -8.02
C ILE A 134 0.81 17.40 -8.64
N GLU A 135 -0.39 17.07 -9.12
CA GLU A 135 -1.20 18.08 -9.78
C GLU A 135 -1.67 19.15 -8.81
N CYS A 136 -1.89 18.79 -7.54
CA CYS A 136 -2.21 19.81 -6.54
C CYS A 136 -1.02 20.72 -6.29
N GLY A 137 0.18 20.16 -6.17
CA GLY A 137 1.36 20.99 -5.99
C GLY A 137 1.65 21.88 -7.16
N GLN A 138 1.37 21.41 -8.39
CA GLN A 138 1.53 22.26 -9.56
C GLN A 138 0.48 23.37 -9.59
N LYS A 139 -0.77 23.04 -9.28
CA LYS A 139 -1.83 24.04 -9.25
C LYS A 139 -1.58 25.10 -8.18
N GLU A 140 -0.94 24.72 -7.08
CA GLU A 140 -0.70 25.64 -5.98
C GLU A 140 0.57 26.47 -6.17
N GLY A 141 1.31 26.24 -7.25
CA GLY A 141 2.54 26.98 -7.51
C GLY A 141 3.75 26.40 -6.84
N GLU A 142 3.61 25.29 -6.11
CA GLU A 142 4.75 24.70 -5.41
C GLU A 142 5.61 23.84 -6.32
N PHE A 143 5.02 23.14 -7.29
CA PHE A 143 5.75 22.26 -8.19
C PHE A 143 5.83 22.85 -9.59
N LYS A 144 6.95 22.59 -10.28
CA LYS A 144 7.04 22.88 -11.70
C LYS A 144 6.31 21.82 -12.51
N ASN A 145 6.23 22.02 -13.82
CA ASN A 145 5.61 21.04 -14.71
C ASN A 145 6.44 20.85 -15.98
N ARG A 146 7.65 20.32 -15.82
CA ARG A 146 8.48 20.01 -16.98
C ARG A 146 8.01 18.73 -17.68
N SER A 147 7.44 17.79 -16.92
CA SER A 147 6.85 16.59 -17.48
C SER A 147 5.41 16.48 -16.98
N ASN A 148 4.62 15.63 -17.64
CA ASN A 148 3.24 15.47 -17.23
C ASN A 148 3.16 14.62 -15.96
N SER A 149 2.08 14.83 -15.20
CA SER A 149 1.99 14.27 -13.85
C SER A 149 1.89 12.75 -13.88
N THR A 150 1.30 12.17 -14.92
CA THR A 150 1.20 10.71 -14.98
C THR A 150 2.57 10.07 -15.16
N ASP A 151 3.42 10.69 -15.99
CA ASP A 151 4.77 10.18 -16.22
C ASP A 151 5.60 10.28 -14.96
N ILE A 152 5.53 11.42 -14.26
CA ILE A 152 6.34 11.61 -13.05
C ILE A 152 5.92 10.62 -11.98
N ALA A 153 4.62 10.39 -11.83
CA ALA A 153 4.14 9.48 -10.80
C ALA A 153 4.65 8.07 -11.01
N TRP A 154 4.62 7.56 -12.25
CA TRP A 154 5.15 6.23 -12.50
C TRP A 154 6.65 6.17 -12.24
N ARG A 155 7.37 7.24 -12.58
CA ARG A 155 8.81 7.24 -12.36
C ARG A 155 9.13 7.25 -10.87
N LEU A 156 8.37 8.01 -10.08
CA LEU A 156 8.56 8.03 -8.63
C LEU A 156 8.26 6.67 -8.01
N ILE A 157 7.16 6.03 -8.43
CA ILE A 157 6.86 4.69 -7.92
C ILE A 157 7.95 3.72 -8.34
N ALA A 158 8.38 3.80 -9.61
CA ALA A 158 9.43 2.90 -10.08
C ALA A 158 10.69 3.06 -9.25
N PHE A 159 11.04 4.30 -8.91
CA PHE A 159 12.26 4.55 -8.15
C PHE A 159 12.21 3.91 -6.77
N VAL A 160 11.12 4.17 -6.02
CA VAL A 160 11.09 3.68 -4.65
C VAL A 160 10.95 2.15 -4.63
N CYS A 161 10.20 1.58 -5.57
CA CYS A 161 10.13 0.12 -5.63
C CYS A 161 11.47 -0.48 -6.02
N GLY A 162 12.18 0.17 -6.95
CA GLY A 162 13.48 -0.32 -7.34
C GLY A 162 14.51 -0.20 -6.23
N LEU A 163 14.50 0.92 -5.52
CA LEU A 163 15.42 1.11 -4.41
C LEU A 163 15.19 0.07 -3.33
N GLU A 164 13.92 -0.15 -2.97
CA GLU A 164 13.63 -1.18 -1.97
C GLU A 164 13.94 -2.58 -2.48
N GLY A 165 13.80 -2.82 -3.78
CA GLY A 165 14.22 -4.09 -4.33
C GLY A 165 15.72 -4.33 -4.20
N ILE A 166 16.51 -3.27 -4.38
CA ILE A 166 17.96 -3.42 -4.29
C ILE A 166 18.40 -3.60 -2.84
N TYR A 167 17.67 -2.97 -1.90
CA TYR A 167 17.93 -3.20 -0.47
C TYR A 167 17.75 -4.66 -0.10
N LYS A 168 16.78 -5.35 -0.73
CA LYS A 168 16.54 -6.74 -0.40
C LYS A 168 17.70 -7.64 -0.77
N LEU A 169 18.62 -7.17 -1.61
CA LEU A 169 19.73 -8.01 -2.06
C LEU A 169 20.79 -8.20 -1.00
N GLY A 170 20.89 -7.27 -0.05
CA GLY A 170 21.95 -7.32 0.94
C GLY A 170 23.32 -7.02 0.34
N LEU A 171 23.38 -5.99 -0.52
CA LEU A 171 24.65 -5.54 -1.07
C LEU A 171 25.48 -4.84 0.01
N GLN A 172 26.79 -4.78 -0.23
CA GLN A 172 27.72 -4.39 0.82
C GLN A 172 28.01 -2.88 0.88
N GLY A 173 27.79 -2.14 -0.20
CA GLY A 173 28.10 -0.72 -0.14
C GLY A 173 26.88 0.18 -0.15
N LEU A 174 25.76 -0.33 0.36
CA LEU A 174 24.47 0.35 0.21
C LEU A 174 23.77 0.40 1.56
N ALA A 175 23.56 1.60 2.07
CA ALA A 175 22.95 1.80 3.38
C ALA A 175 21.46 2.06 3.22
N GLU A 176 20.64 1.21 3.85
CA GLU A 176 19.19 1.38 3.81
C GLU A 176 18.77 2.73 4.37
N GLU A 177 19.54 3.28 5.31
CA GLU A 177 19.21 4.54 5.95
C GLU A 177 19.25 5.73 5.00
N ASP A 178 19.78 5.55 3.78
CA ASP A 178 19.84 6.61 2.79
C ASP A 178 18.57 6.74 1.96
N PHE A 179 17.54 5.94 2.23
CA PHE A 179 16.34 5.92 1.39
C PHE A 179 15.69 7.30 1.29
N LYS A 180 15.49 7.96 2.43
CA LYS A 180 14.87 9.29 2.41
C LYS A 180 15.70 10.27 1.58
N ARG A 181 17.01 10.29 1.80
CA ARG A 181 17.89 11.20 1.09
C ARG A 181 17.81 10.98 -0.42
N HIS A 182 17.82 9.73 -0.87
CA HIS A 182 17.70 9.45 -2.30
C HIS A 182 16.32 9.85 -2.82
N THR A 183 15.27 9.51 -2.08
CA THR A 183 13.92 9.86 -2.53
C THR A 183 13.73 11.37 -2.59
N GLU A 184 14.27 12.10 -1.60
CA GLU A 184 14.22 13.56 -1.66
C GLU A 184 14.90 14.09 -2.92
N ALA A 185 16.06 13.54 -3.24
CA ALA A 185 16.81 14.01 -4.41
C ALA A 185 16.01 13.82 -5.69
N ILE A 186 15.33 12.68 -5.83
CA ILE A 186 14.57 12.42 -7.05
C ILE A 186 13.35 13.32 -7.12
N ILE A 187 12.63 13.47 -6.01
CA ILE A 187 11.48 14.38 -5.98
C ILE A 187 11.91 15.78 -6.40
N ARG A 188 13.03 16.26 -5.84
CA ARG A 188 13.52 17.59 -6.18
C ARG A 188 13.85 17.71 -7.67
N LEU A 189 14.49 16.70 -8.25
CA LEU A 189 14.86 16.79 -9.65
C LEU A 189 13.63 16.80 -10.55
N GLU A 190 12.60 16.04 -10.19
CA GLU A 190 11.43 15.93 -11.05
C GLU A 190 10.51 17.14 -10.93
N LEU A 191 10.40 17.68 -9.74
CA LEU A 191 9.40 18.71 -9.49
C LEU A 191 9.81 20.03 -8.86
N LEU A 192 10.97 20.01 -8.23
CA LEU A 192 11.57 21.11 -7.45
C LEU A 192 10.91 21.44 -6.13
#